data_7YF5
#
_entry.id   7YF5
#
_cell.length_a   85.907
_cell.length_b   58.387
_cell.length_c   68.867
_cell.angle_alpha   90.000
_cell.angle_beta   98.140
_cell.angle_gamma   90.000
#
_symmetry.space_group_name_H-M   'C 1 2 1'
#
loop_
_entity.id
_entity.type
_entity.pdbx_description
1 polymer 'UDP-glucuronosyltransferase 2B10'
2 non-polymer 'SULFATE ION'
3 water water
#
_entity_poly.entity_id   1
_entity_poly.type   'polypeptide(L)'
_entity_poly.pdbx_seq_one_letter_code
;GSAMGSKPAKPLPKEMEEFVQSSGENGVVVFSLGSMVSNMTEERANVIATALAKIPQKVLWRFDGNKPDALGLNTRLYKW
IPQNDLLGHPKTRAFITHGGANGIYEAIYHGIPMVGIPLFFDQPDNIAHMKAKGAAVRVDFNTMSSTDLLNALKTVINDP
SYKENIMKLSRIQH
;
_entity_poly.pdbx_strand_id   B,A
#
loop_
_chem_comp.id
_chem_comp.type
_chem_comp.name
_chem_comp.formula
SO4 non-polymer 'SULFATE ION' 'O4 S -2'
#
# COMPACT_ATOMS: atom_id res chain seq x y z
N ALA A 9 11.45 13.35 -6.15
CA ALA A 9 11.83 11.95 -6.21
C ALA A 9 12.47 11.50 -4.89
N LYS A 10 11.65 11.47 -3.83
CA LYS A 10 12.09 11.01 -2.52
C LYS A 10 11.01 10.08 -1.98
N PRO A 11 11.34 8.84 -1.64
CA PRO A 11 10.29 7.89 -1.19
C PRO A 11 9.60 8.30 0.10
N LEU A 12 10.37 8.77 1.11
CA LEU A 12 9.79 9.02 2.42
C LEU A 12 9.61 10.52 2.67
N PRO A 13 8.50 10.88 3.32
CA PRO A 13 8.37 12.25 3.84
C PRO A 13 9.59 12.61 4.67
N LYS A 14 9.95 13.90 4.64
CA LYS A 14 11.23 14.34 5.19
C LYS A 14 11.42 13.84 6.62
N GLU A 15 10.48 14.18 7.51
CA GLU A 15 10.61 13.84 8.92
C GLU A 15 10.64 12.33 9.15
N MET A 16 9.91 11.57 8.34
CA MET A 16 9.97 10.12 8.42
C MET A 16 11.34 9.59 8.02
N GLU A 17 11.94 10.18 6.98
CA GLU A 17 13.27 9.76 6.55
C GLU A 17 14.31 10.01 7.63
N GLU A 18 14.23 11.17 8.30
CA GLU A 18 15.20 11.47 9.35
C GLU A 18 15.08 10.47 10.50
N PHE A 19 13.85 10.08 10.83
CA PHE A 19 13.65 9.07 11.88
C PHE A 19 14.26 7.73 11.48
N VAL A 20 14.06 7.34 10.21
CA VAL A 20 14.59 6.06 9.74
C VAL A 20 16.12 6.07 9.77
N GLN A 21 16.73 7.16 9.29
CA GLN A 21 18.19 7.25 9.34
C GLN A 21 18.70 7.26 10.77
N SER A 22 17.91 7.79 11.70
CA SER A 22 18.33 7.84 13.10
C SER A 22 18.44 6.47 13.74
N SER A 23 18.09 5.39 13.04
CA SER A 23 18.15 4.03 13.59
C SER A 23 19.55 3.44 13.56
N GLY A 24 20.51 4.11 12.93
CA GLY A 24 21.89 3.65 12.92
C GLY A 24 22.04 2.23 12.42
N GLU A 25 22.90 1.46 13.09
CA GLU A 25 23.12 0.06 12.74
C GLU A 25 22.01 -0.86 13.23
N ASN A 26 21.03 -0.36 13.96
CA ASN A 26 19.93 -1.22 14.40
C ASN A 26 18.86 -1.35 13.33
N GLY A 27 18.64 -0.32 12.52
CA GLY A 27 17.60 -0.39 11.52
C GLY A 27 16.22 -0.17 12.10
N VAL A 28 15.21 -0.42 11.26
CA VAL A 28 13.83 -0.12 11.61
C VAL A 28 12.92 -1.32 11.36
N VAL A 29 11.73 -1.23 11.98
CA VAL A 29 10.64 -2.19 11.84
C VAL A 29 9.40 -1.43 11.38
N VAL A 30 8.69 -2.00 10.41
CA VAL A 30 7.44 -1.42 9.90
C VAL A 30 6.29 -2.24 10.46
N PHE A 31 5.30 -1.57 11.05
CA PHE A 31 4.15 -2.19 11.73
C PHE A 31 2.86 -1.63 11.14
N SER A 32 2.07 -2.47 10.49
CA SER A 32 0.77 -2.01 9.98
C SER A 32 -0.23 -3.15 10.01
N LEU A 33 -1.37 -2.94 10.66
CA LEU A 33 -2.46 -3.91 10.64
C LEU A 33 -3.53 -3.53 9.64
N GLY A 34 -3.26 -2.54 8.78
CA GLY A 34 -4.17 -2.28 7.69
C GLY A 34 -5.35 -1.43 8.11
N SER A 35 -6.31 -1.32 7.20
CA SER A 35 -7.40 -0.37 7.38
C SER A 35 -8.40 -0.83 8.43
N MET A 36 -8.63 -2.15 8.54
CA MET A 36 -9.69 -2.63 9.41
C MET A 36 -9.34 -2.48 10.89
N VAL A 37 -8.05 -2.35 11.22
CA VAL A 37 -7.71 -1.93 12.58
C VAL A 37 -7.58 -0.41 12.55
N SER A 38 -8.72 0.26 12.36
CA SER A 38 -8.87 1.63 12.81
C SER A 38 -9.09 1.56 14.30
N ASN A 39 -8.10 2.02 15.08
CA ASN A 39 -8.20 2.02 16.53
C ASN A 39 -8.12 0.60 17.10
N MET A 40 -7.90 0.51 18.39
CA MET A 40 -7.95 -0.73 19.14
C MET A 40 -8.16 -0.34 20.60
N THR A 41 -8.41 -1.34 21.44
CA THR A 41 -8.54 -1.03 22.86
C THR A 41 -7.24 -0.46 23.41
N GLU A 42 -7.39 0.31 24.49
CA GLU A 42 -6.25 0.77 25.28
C GLU A 42 -5.38 -0.41 25.69
N GLU A 43 -6.03 -1.50 26.12
CA GLU A 43 -5.29 -2.67 26.62
C GLU A 43 -4.41 -3.27 25.53
N ARG A 44 -4.95 -3.41 24.30
CA ARG A 44 -4.14 -3.97 23.22
C ARG A 44 -3.04 -3.01 22.78
N ALA A 45 -3.34 -1.71 22.68
CA ALA A 45 -2.32 -0.76 22.25
C ALA A 45 -1.18 -0.70 23.25
N ASN A 46 -1.46 -0.88 24.54
CA ASN A 46 -0.39 -0.87 25.53
C ASN A 46 0.43 -2.15 25.47
N VAL A 47 -0.23 -3.30 25.27
CA VAL A 47 0.52 -4.55 25.07
C VAL A 47 1.48 -4.42 23.89
N ILE A 48 0.99 -3.85 22.78
CA ILE A 48 1.84 -3.74 21.61
C ILE A 48 2.95 -2.73 21.84
N ALA A 49 2.60 -1.57 22.38
CA ALA A 49 3.61 -0.53 22.57
C ALA A 49 4.70 -1.00 23.50
N THR A 50 4.33 -1.73 24.57
CA THR A 50 5.32 -2.24 25.53
C THR A 50 6.34 -3.13 24.84
N ALA A 51 5.87 -4.05 23.98
CA ALA A 51 6.78 -4.91 23.25
C ALA A 51 7.67 -4.12 22.29
N LEU A 52 7.07 -3.22 21.51
CA LEU A 52 7.82 -2.48 20.49
C LEU A 52 8.91 -1.63 21.12
N ALA A 53 8.66 -1.11 22.32
CA ALA A 53 9.63 -0.27 23.00
C ALA A 53 10.89 -1.02 23.43
N LYS A 54 10.88 -2.35 23.41
CA LYS A 54 11.96 -3.17 23.96
C LYS A 54 12.85 -3.79 22.90
N ILE A 55 12.74 -3.38 21.64
CA ILE A 55 13.74 -3.76 20.66
C ILE A 55 14.63 -2.55 20.37
N PRO A 56 15.88 -2.73 19.93
CA PRO A 56 16.73 -1.57 19.62
C PRO A 56 16.39 -0.89 18.32
N GLN A 57 15.61 -1.55 17.45
CA GLN A 57 15.19 -0.93 16.21
C GLN A 57 14.28 0.25 16.48
N LYS A 58 14.24 1.19 15.54
CA LYS A 58 13.18 2.18 15.53
C LYS A 58 11.94 1.57 14.86
N VAL A 59 10.77 2.00 15.27
CA VAL A 59 9.52 1.38 14.83
C VAL A 59 8.59 2.43 14.27
N LEU A 60 8.06 2.18 13.07
CA LEU A 60 7.08 3.02 12.42
C LEU A 60 5.76 2.26 12.43
N TRP A 61 4.79 2.79 13.16
CA TRP A 61 3.54 2.09 13.46
C TRP A 61 2.41 2.86 12.81
N ARG A 62 1.72 2.25 11.84
CA ARG A 62 0.49 2.85 11.31
C ARG A 62 -0.62 2.70 12.34
N PHE A 63 -1.10 3.83 12.85
CA PHE A 63 -1.94 3.85 14.03
C PHE A 63 -2.67 5.19 14.02
N ASP A 64 -3.97 5.17 14.32
CA ASP A 64 -4.69 6.44 14.26
C ASP A 64 -5.56 6.67 15.48
N GLY A 65 -5.29 5.98 16.59
CA GLY A 65 -6.03 6.14 17.81
C GLY A 65 -5.32 7.02 18.81
N ASN A 66 -5.69 6.84 20.08
CA ASN A 66 -5.08 7.59 21.17
C ASN A 66 -3.68 7.08 21.46
N LYS A 67 -2.75 8.00 21.67
CA LYS A 67 -1.36 7.65 21.93
C LYS A 67 -1.23 6.74 23.14
N PRO A 68 -0.66 5.55 23.00
CA PRO A 68 -0.52 4.64 24.16
C PRO A 68 0.40 5.21 25.23
N ASP A 69 0.00 5.00 26.50
CA ASP A 69 0.86 5.40 27.63
C ASP A 69 2.24 4.76 27.54
N ALA A 70 2.33 3.54 27.04
CA ALA A 70 3.56 2.78 27.03
C ALA A 70 4.38 3.00 25.77
N LEU A 71 4.02 3.98 24.95
CA LEU A 71 4.74 4.22 23.71
C LEU A 71 6.22 4.51 23.98
N GLY A 72 7.09 3.71 23.39
CA GLY A 72 8.51 3.91 23.56
C GLY A 72 9.05 5.05 22.72
N LEU A 73 10.17 5.60 23.19
CA LEU A 73 10.83 6.67 22.43
C LEU A 73 11.34 6.18 21.08
N ASN A 74 11.48 4.87 20.90
CA ASN A 74 11.91 4.32 19.62
C ASN A 74 10.77 4.16 18.62
N THR A 75 9.53 4.50 19.00
CA THR A 75 8.34 4.17 18.22
C THR A 75 7.62 5.45 17.85
N ARG A 76 7.20 5.56 16.59
CA ARG A 76 6.42 6.70 16.18
C ARG A 76 5.16 6.23 15.47
N LEU A 77 4.10 7.01 15.64
CA LEU A 77 2.79 6.69 15.10
C LEU A 77 2.55 7.52 13.85
N TYR A 78 1.96 6.89 12.84
CA TYR A 78 1.63 7.55 11.58
C TYR A 78 0.23 7.16 11.15
N LYS A 79 -0.54 8.13 10.70
CA LYS A 79 -1.87 7.86 10.15
C LYS A 79 -1.76 7.08 8.85
N TRP A 80 -0.65 7.26 8.15
CA TRP A 80 -0.41 6.68 6.85
C TRP A 80 1.08 6.40 6.71
N ILE A 81 1.43 5.28 6.11
CA ILE A 81 2.84 4.99 5.81
C ILE A 81 3.03 4.60 4.34
N PRO A 82 4.14 5.01 3.74
CA PRO A 82 4.52 4.51 2.42
C PRO A 82 5.16 3.13 2.57
N GLN A 83 4.32 2.10 2.55
CA GLN A 83 4.75 0.78 2.98
C GLN A 83 5.84 0.20 2.08
N ASN A 84 5.64 0.29 0.77
CA ASN A 84 6.65 -0.24 -0.13
C ASN A 84 7.98 0.49 0.01
N ASP A 85 7.94 1.82 0.17
CA ASP A 85 9.16 2.59 0.32
C ASP A 85 9.90 2.22 1.61
N LEU A 86 9.15 2.01 2.70
CA LEU A 86 9.79 1.60 3.94
C LEU A 86 10.37 0.20 3.83
N LEU A 87 9.62 -0.73 3.23
CA LEU A 87 10.13 -2.09 3.07
C LEU A 87 11.33 -2.13 2.14
N GLY A 88 11.41 -1.22 1.17
CA GLY A 88 12.58 -1.11 0.32
C GLY A 88 13.75 -0.37 0.90
N HIS A 89 13.61 0.17 2.10
CA HIS A 89 14.71 0.93 2.66
C HIS A 89 15.80 0.00 3.21
N PRO A 90 17.07 0.32 3.01
CA PRO A 90 18.14 -0.57 3.50
C PRO A 90 18.16 -0.75 5.00
N LYS A 91 17.49 0.13 5.76
CA LYS A 91 17.45 0.00 7.21
C LYS A 91 16.45 -1.06 7.70
N THR A 92 15.53 -1.51 6.86
CA THR A 92 14.38 -2.22 7.37
C THR A 92 14.70 -3.68 7.69
N ARG A 93 14.34 -4.09 8.90
CA ARG A 93 14.67 -5.41 9.45
C ARG A 93 13.49 -6.37 9.50
N ALA A 94 12.28 -5.87 9.63
CA ALA A 94 11.13 -6.76 9.79
C ALA A 94 9.87 -5.98 9.49
N PHE A 95 8.80 -6.72 9.24
CA PHE A 95 7.51 -6.16 8.85
C PHE A 95 6.47 -6.89 9.69
N ILE A 96 5.79 -6.15 10.56
CA ILE A 96 4.69 -6.72 11.34
C ILE A 96 3.40 -6.36 10.61
N THR A 97 2.68 -7.37 10.17
CA THR A 97 1.60 -7.12 9.21
C THR A 97 0.38 -7.97 9.55
N HIS A 98 -0.79 -7.48 9.15
CA HIS A 98 -2.00 -8.29 9.21
C HIS A 98 -2.03 -9.37 8.14
N GLY A 99 -1.17 -9.29 7.13
CA GLY A 99 -1.08 -10.31 6.12
C GLY A 99 -1.89 -10.03 4.88
N GLY A 100 -2.13 -8.76 4.54
CA GLY A 100 -2.72 -8.43 3.26
C GLY A 100 -1.81 -8.83 2.12
N ALA A 101 -2.43 -9.19 0.98
CA ALA A 101 -1.67 -9.73 -0.13
C ALA A 101 -0.65 -8.74 -0.67
N ASN A 102 -1.02 -7.45 -0.76
CA ASN A 102 -0.10 -6.47 -1.31
C ASN A 102 1.12 -6.33 -0.43
N GLY A 103 0.91 -6.25 0.89
CA GLY A 103 2.05 -6.13 1.80
C GLY A 103 2.98 -7.32 1.73
N ILE A 104 2.41 -8.53 1.65
CA ILE A 104 3.22 -9.74 1.58
C ILE A 104 4.02 -9.76 0.28
N TYR A 105 3.40 -9.41 -0.85
CA TYR A 105 4.16 -9.32 -2.09
C TYR A 105 5.33 -8.35 -1.96
N GLU A 106 5.10 -7.21 -1.31
CA GLU A 106 6.16 -6.23 -1.15
C GLU A 106 7.26 -6.78 -0.25
N ALA A 107 6.85 -7.45 0.83
CA ALA A 107 7.83 -8.03 1.74
C ALA A 107 8.67 -9.08 1.03
N ILE A 108 8.05 -9.92 0.19
CA ILE A 108 8.80 -10.90 -0.58
C ILE A 108 9.71 -10.20 -1.57
N TYR A 109 9.20 -9.19 -2.28
CA TYR A 109 9.99 -8.46 -3.25
C TYR A 109 11.22 -7.82 -2.62
N HIS A 110 11.08 -7.23 -1.43
CA HIS A 110 12.20 -6.56 -0.78
C HIS A 110 12.95 -7.44 0.22
N GLY A 111 12.56 -8.70 0.39
CA GLY A 111 13.32 -9.60 1.25
C GLY A 111 13.17 -9.36 2.73
N ILE A 112 12.00 -8.94 3.19
CA ILE A 112 11.80 -8.53 4.57
C ILE A 112 10.99 -9.60 5.30
N PRO A 113 11.54 -10.22 6.36
CA PRO A 113 10.79 -11.24 7.10
C PRO A 113 9.67 -10.61 7.92
N MET A 114 8.66 -11.43 8.26
CA MET A 114 7.39 -10.91 8.78
C MET A 114 7.02 -11.53 10.12
N VAL A 115 6.42 -10.69 10.97
CA VAL A 115 5.55 -11.17 12.04
C VAL A 115 4.14 -10.99 11.53
N GLY A 116 3.42 -12.10 11.38
CA GLY A 116 2.05 -12.06 10.87
C GLY A 116 1.06 -12.03 12.02
N ILE A 117 0.14 -11.08 11.94
CA ILE A 117 -0.92 -10.92 12.93
C ILE A 117 -2.24 -10.90 12.15
N PRO A 118 -2.68 -12.03 11.63
CA PRO A 118 -3.84 -12.00 10.72
C PRO A 118 -5.13 -11.81 11.49
N LEU A 119 -6.06 -11.09 10.86
CA LEU A 119 -7.28 -10.70 11.52
C LEU A 119 -8.51 -11.21 10.80
N PHE A 120 -8.56 -11.01 9.50
CA PHE A 120 -9.77 -11.24 8.77
C PHE A 120 -9.45 -11.76 7.38
N PHE A 121 -10.41 -12.45 6.78
CA PHE A 121 -10.48 -12.58 5.34
C PHE A 121 -9.46 -13.62 4.86
N ASP A 122 -8.68 -13.31 3.82
CA ASP A 122 -7.61 -14.21 3.38
C ASP A 122 -6.41 -14.19 4.31
N GLN A 123 -6.36 -13.25 5.26
CA GLN A 123 -5.13 -13.01 6.02
C GLN A 123 -4.63 -14.23 6.79
N PRO A 124 -5.47 -15.03 7.47
CA PRO A 124 -4.95 -16.24 8.13
C PRO A 124 -4.23 -17.19 7.18
N ASP A 125 -4.83 -17.47 6.02
CA ASP A 125 -4.18 -18.37 5.06
C ASP A 125 -2.95 -17.73 4.42
N ASN A 126 -2.97 -16.42 4.17
CA ASN A 126 -1.80 -15.75 3.63
C ASN A 126 -0.61 -15.90 4.56
N ILE A 127 -0.82 -15.65 5.85
CA ILE A 127 0.28 -15.74 6.79
C ILE A 127 0.67 -17.20 7.02
N ALA A 128 -0.32 -18.11 7.06
CA ALA A 128 0.00 -19.52 7.27
C ALA A 128 0.94 -20.06 6.20
N HIS A 129 0.76 -19.60 4.96
CA HIS A 129 1.65 -19.98 3.88
C HIS A 129 3.06 -19.45 4.11
N MET A 130 3.17 -18.16 4.45
CA MET A 130 4.49 -17.58 4.72
C MET A 130 5.18 -18.30 5.87
N LYS A 131 4.43 -18.66 6.91
CA LYS A 131 5.04 -19.37 8.03
C LYS A 131 5.49 -20.76 7.59
N ALA A 132 4.67 -21.43 6.78
CA ALA A 132 5.06 -22.75 6.28
C ALA A 132 6.35 -22.68 5.48
N LYS A 133 6.60 -21.55 4.82
CA LYS A 133 7.82 -21.35 4.05
C LYS A 133 8.98 -20.82 4.88
N GLY A 134 8.78 -20.63 6.18
CA GLY A 134 9.86 -20.17 7.04
C GLY A 134 10.16 -18.70 6.96
N ALA A 135 9.26 -17.91 6.39
CA ALA A 135 9.45 -16.49 6.17
C ALA A 135 8.72 -15.64 7.18
N ALA A 136 7.92 -16.25 8.05
CA ALA A 136 7.11 -15.51 8.99
C ALA A 136 6.94 -16.31 10.26
N VAL A 137 6.73 -15.59 11.36
CA VAL A 137 6.13 -16.16 12.55
C VAL A 137 4.73 -15.60 12.65
N ARG A 138 3.88 -16.29 13.40
CA ARG A 138 2.48 -15.94 13.47
C ARG A 138 2.07 -15.79 14.92
N VAL A 139 1.40 -14.68 15.26
CA VAL A 139 0.85 -14.49 16.60
C VAL A 139 -0.64 -14.18 16.47
N ASP A 140 -1.35 -14.27 17.60
CA ASP A 140 -2.79 -14.00 17.67
C ASP A 140 -3.03 -12.63 18.29
N PHE A 141 -3.67 -11.75 17.53
CA PHE A 141 -3.87 -10.38 18.01
C PHE A 141 -4.57 -10.35 19.36
N ASN A 142 -5.61 -11.18 19.55
CA ASN A 142 -6.44 -11.06 20.75
C ASN A 142 -5.80 -11.69 21.98
N THR A 143 -4.90 -12.65 21.81
CA THR A 143 -4.33 -13.40 22.93
C THR A 143 -2.91 -12.98 23.28
N MET A 144 -2.15 -12.47 22.30
CA MET A 144 -0.72 -12.29 22.50
C MET A 144 -0.44 -11.38 23.69
N SER A 145 0.56 -11.76 24.47
CA SER A 145 1.10 -10.89 25.49
C SER A 145 2.21 -10.03 24.91
N SER A 146 2.68 -9.07 25.71
CA SER A 146 3.84 -8.30 25.29
C SER A 146 5.05 -9.19 25.05
N THR A 147 5.25 -10.19 25.90
CA THR A 147 6.36 -11.12 25.74
C THR A 147 6.22 -11.92 24.44
N ASP A 148 5.00 -12.36 24.13
CA ASP A 148 4.78 -13.07 22.87
C ASP A 148 5.20 -12.21 21.69
N LEU A 149 4.74 -10.95 21.66
CA LEU A 149 5.05 -10.15 20.48
C LEU A 149 6.53 -9.81 20.42
N LEU A 150 7.12 -9.48 21.58
CA LEU A 150 8.54 -9.17 21.63
C LEU A 150 9.38 -10.36 21.16
N ASN A 151 9.02 -11.58 21.60
CA ASN A 151 9.78 -12.75 21.18
C ASN A 151 9.65 -12.97 19.68
N ALA A 152 8.45 -12.74 19.13
CA ALA A 152 8.29 -12.91 17.70
C ALA A 152 9.17 -11.95 16.92
N LEU A 153 9.17 -10.67 17.33
CA LEU A 153 10.00 -9.67 16.68
C LEU A 153 11.46 -10.03 16.78
N LYS A 154 11.91 -10.40 17.98
CA LYS A 154 13.31 -10.74 18.17
C LYS A 154 13.70 -11.89 17.28
N THR A 155 12.83 -12.90 17.19
CA THR A 155 13.08 -14.07 16.35
C THR A 155 13.25 -13.68 14.89
N VAL A 156 12.30 -12.92 14.32
CA VAL A 156 12.42 -12.68 12.88
C VAL A 156 13.49 -11.66 12.54
N ILE A 157 13.91 -10.82 13.49
CA ILE A 157 15.04 -9.91 13.26
C ILE A 157 16.37 -10.63 13.45
N ASN A 158 16.49 -11.44 14.51
CA ASN A 158 17.80 -11.94 14.92
C ASN A 158 18.11 -13.34 14.43
N ASP A 159 17.11 -14.13 14.09
CA ASP A 159 17.36 -15.46 13.51
C ASP A 159 17.33 -15.25 12.01
N PRO A 160 18.46 -15.35 11.32
CA PRO A 160 18.47 -14.98 9.89
C PRO A 160 17.76 -15.97 8.99
N SER A 161 17.33 -17.13 9.50
CA SER A 161 16.64 -18.07 8.62
C SER A 161 15.39 -17.46 8.03
N TYR A 162 14.74 -16.54 8.75
CA TYR A 162 13.49 -15.98 8.22
C TYR A 162 13.76 -15.08 7.03
N LYS A 163 14.72 -14.17 7.16
CA LYS A 163 15.10 -13.35 6.02
C LYS A 163 15.64 -14.20 4.88
N GLU A 164 16.45 -15.21 5.18
CA GLU A 164 16.99 -16.05 4.12
C GLU A 164 15.88 -16.83 3.42
N ASN A 165 14.91 -17.34 4.19
CA ASN A 165 13.79 -18.07 3.58
C ASN A 165 12.94 -17.16 2.70
N ILE A 166 12.65 -15.93 3.13
CA ILE A 166 11.81 -15.10 2.27
C ILE A 166 12.58 -14.66 1.04
N MET A 167 13.90 -14.55 1.13
CA MET A 167 14.69 -14.22 -0.05
C MET A 167 14.68 -15.34 -1.07
N LYS A 168 14.49 -16.58 -0.61
CA LYS A 168 14.30 -17.69 -1.54
C LYS A 168 13.03 -17.51 -2.35
N LEU A 169 11.92 -17.18 -1.67
CA LEU A 169 10.65 -16.97 -2.36
C LEU A 169 10.75 -15.84 -3.36
N SER A 170 11.63 -14.87 -3.12
CA SER A 170 11.82 -13.77 -4.04
C SER A 170 12.15 -14.30 -5.44
N ARG A 171 13.25 -15.05 -5.53
CA ARG A 171 13.50 -15.97 -6.65
C ARG A 171 14.61 -16.94 -6.24
N GLY B 1 28.79 -1.77 -3.19
CA GLY B 1 28.17 -2.38 -4.36
C GLY B 1 27.77 -3.82 -4.17
N SER B 2 27.21 -4.13 -3.00
CA SER B 2 26.85 -5.50 -2.66
C SER B 2 25.68 -5.99 -3.52
N ALA B 3 25.27 -7.23 -3.27
CA ALA B 3 24.13 -7.79 -3.99
C ALA B 3 22.82 -7.14 -3.55
N MET B 4 22.61 -6.97 -2.23
CA MET B 4 21.43 -6.24 -1.76
C MET B 4 21.49 -4.78 -2.17
N GLY B 5 22.68 -4.21 -2.15
CA GLY B 5 22.81 -2.77 -2.29
C GLY B 5 22.62 -2.07 -0.96
N SER B 6 23.26 -0.92 -0.83
CA SER B 6 23.18 -0.13 0.39
C SER B 6 22.30 1.10 0.23
N LYS B 7 21.62 1.26 -0.90
CA LYS B 7 20.79 2.42 -1.20
C LYS B 7 19.32 2.03 -1.19
N PRO B 8 18.42 2.99 -1.04
CA PRO B 8 17.00 2.67 -1.11
C PRO B 8 16.65 2.00 -2.44
N ALA B 9 15.75 1.03 -2.37
CA ALA B 9 15.30 0.34 -3.57
C ALA B 9 14.72 1.32 -4.57
N LYS B 10 14.75 0.93 -5.85
CA LYS B 10 14.18 1.75 -6.89
C LYS B 10 12.67 1.91 -6.65
N PRO B 11 12.10 3.08 -6.99
CA PRO B 11 10.66 3.27 -6.73
C PRO B 11 9.80 2.22 -7.41
N LEU B 12 10.04 1.97 -8.71
CA LEU B 12 9.27 1.04 -9.51
C LEU B 12 10.10 -0.16 -9.92
N PRO B 13 9.51 -1.35 -9.94
CA PRO B 13 10.18 -2.50 -10.56
C PRO B 13 10.60 -2.22 -11.99
N LYS B 14 11.37 -3.13 -12.56
CA LYS B 14 12.15 -2.82 -13.76
C LYS B 14 11.25 -2.61 -14.96
N GLU B 15 10.45 -3.63 -15.31
CA GLU B 15 9.56 -3.52 -16.46
C GLU B 15 8.49 -2.45 -16.24
N MET B 16 8.04 -2.28 -14.99
CA MET B 16 7.00 -1.30 -14.72
C MET B 16 7.48 0.12 -14.99
N GLU B 17 8.71 0.44 -14.57
CA GLU B 17 9.24 1.78 -14.81
C GLU B 17 9.40 2.06 -16.30
N GLU B 18 9.78 1.04 -17.07
CA GLU B 18 9.87 1.20 -18.52
C GLU B 18 8.49 1.42 -19.14
N PHE B 19 7.49 0.71 -18.63
CA PHE B 19 6.13 0.90 -19.15
C PHE B 19 5.63 2.32 -18.86
N VAL B 20 5.88 2.81 -17.64
CA VAL B 20 5.49 4.18 -17.30
C VAL B 20 6.20 5.19 -18.19
N GLN B 21 7.51 5.03 -18.36
CA GLN B 21 8.28 5.97 -19.17
C GLN B 21 7.80 5.98 -20.61
N SER B 22 7.29 4.86 -21.10
CA SER B 22 6.83 4.78 -22.48
C SER B 22 5.55 5.58 -22.72
N SER B 23 4.93 6.13 -21.68
CA SER B 23 3.70 6.91 -21.83
C SER B 23 3.97 8.29 -22.40
N GLY B 24 5.22 8.73 -22.45
CA GLY B 24 5.54 10.03 -23.01
C GLY B 24 4.71 11.16 -22.41
N GLU B 25 4.14 11.98 -23.30
CA GLU B 25 3.38 13.16 -22.87
C GLU B 25 2.03 12.78 -22.26
N ASN B 26 1.46 11.64 -22.64
CA ASN B 26 0.13 11.30 -22.15
C ASN B 26 0.14 10.92 -20.67
N GLY B 27 1.20 10.31 -20.19
CA GLY B 27 1.24 9.91 -18.81
C GLY B 27 0.49 8.62 -18.56
N VAL B 28 0.31 8.29 -17.28
CA VAL B 28 -0.27 7.02 -16.90
C VAL B 28 -1.43 7.24 -15.93
N VAL B 29 -2.17 6.17 -15.74
CA VAL B 29 -3.31 6.09 -14.84
C VAL B 29 -3.13 4.84 -14.00
N VAL B 30 -3.35 4.97 -12.68
CA VAL B 30 -3.24 3.84 -11.76
C VAL B 30 -4.64 3.35 -11.42
N PHE B 31 -4.86 2.05 -11.52
CA PHE B 31 -6.18 1.47 -11.32
C PHE B 31 -6.08 0.36 -10.27
N SER B 32 -6.69 0.55 -9.09
CA SER B 32 -6.68 -0.50 -8.09
C SER B 32 -7.96 -0.44 -7.27
N LEU B 33 -8.69 -1.56 -7.24
CA LEU B 33 -9.88 -1.69 -6.40
C LEU B 33 -9.59 -2.47 -5.13
N GLY B 34 -8.33 -2.65 -4.78
CA GLY B 34 -7.97 -3.32 -3.55
C GLY B 34 -8.01 -4.83 -3.71
N SER B 35 -7.78 -5.53 -2.60
CA SER B 35 -7.72 -6.98 -2.68
C SER B 35 -9.10 -7.61 -2.92
N MET B 36 -10.16 -7.01 -2.36
CA MET B 36 -11.44 -7.69 -2.31
C MET B 36 -12.22 -7.66 -3.62
N VAL B 37 -11.82 -6.84 -4.60
CA VAL B 37 -12.36 -6.94 -5.95
C VAL B 37 -11.19 -6.79 -6.91
N SER B 38 -10.15 -7.60 -6.70
CA SER B 38 -9.15 -7.78 -7.74
C SER B 38 -9.59 -8.85 -8.74
N ASN B 39 -10.53 -9.72 -8.34
CA ASN B 39 -11.16 -10.68 -9.21
C ASN B 39 -12.65 -10.34 -9.34
N MET B 40 -13.19 -10.51 -10.54
CA MET B 40 -14.53 -10.03 -10.85
C MET B 40 -15.08 -10.84 -12.01
N THR B 41 -16.36 -10.63 -12.31
CA THR B 41 -16.99 -11.29 -13.44
C THR B 41 -16.33 -10.88 -14.75
N GLU B 42 -16.42 -11.76 -15.75
CA GLU B 42 -15.93 -11.45 -17.08
C GLU B 42 -16.64 -10.22 -17.63
N GLU B 43 -17.94 -10.09 -17.36
CA GLU B 43 -18.71 -8.97 -17.87
C GLU B 43 -18.20 -7.65 -17.31
N ARG B 44 -17.90 -7.59 -16.01
CA ARG B 44 -17.39 -6.36 -15.42
C ARG B 44 -15.97 -6.07 -15.88
N ALA B 45 -15.14 -7.10 -16.02
CA ALA B 45 -13.75 -6.87 -16.44
C ALA B 45 -13.69 -6.36 -17.87
N ASN B 46 -14.64 -6.79 -18.72
CA ASN B 46 -14.63 -6.29 -20.09
C ASN B 46 -15.21 -4.88 -20.20
N VAL B 47 -16.20 -4.54 -19.37
CA VAL B 47 -16.67 -3.16 -19.30
C VAL B 47 -15.52 -2.23 -18.95
N ILE B 48 -14.75 -2.62 -17.94
CA ILE B 48 -13.61 -1.81 -17.50
C ILE B 48 -12.53 -1.79 -18.57
N ALA B 49 -12.14 -2.96 -19.06
CA ALA B 49 -11.04 -3.04 -20.03
C ALA B 49 -11.37 -2.21 -21.27
N THR B 50 -12.62 -2.22 -21.71
CA THR B 50 -13.02 -1.48 -22.91
C THR B 50 -12.87 0.02 -22.68
N ALA B 51 -13.27 0.50 -21.50
CA ALA B 51 -13.08 1.93 -21.21
C ALA B 51 -11.60 2.29 -21.13
N LEU B 52 -10.81 1.50 -20.39
CA LEU B 52 -9.40 1.83 -20.22
C LEU B 52 -8.65 1.83 -21.53
N ALA B 53 -9.06 1.00 -22.49
CA ALA B 53 -8.35 0.90 -23.75
C ALA B 53 -8.51 2.15 -24.63
N LYS B 54 -9.48 3.02 -24.33
CA LYS B 54 -9.84 4.18 -25.14
C LYS B 54 -9.25 5.49 -24.65
N ILE B 55 -8.42 5.47 -23.62
CA ILE B 55 -7.69 6.69 -23.26
C ILE B 55 -6.27 6.59 -23.78
N PRO B 56 -5.60 7.70 -24.10
CA PRO B 56 -4.22 7.59 -24.61
C PRO B 56 -3.19 7.35 -23.54
N GLN B 57 -3.54 7.53 -22.27
CA GLN B 57 -2.66 7.19 -21.17
C GLN B 57 -2.35 5.71 -21.19
N LYS B 58 -1.18 5.36 -20.66
CA LYS B 58 -0.95 3.99 -20.28
C LYS B 58 -1.64 3.72 -18.94
N VAL B 59 -2.08 2.48 -18.73
CA VAL B 59 -2.86 2.12 -17.56
C VAL B 59 -2.18 0.95 -16.85
N LEU B 60 -1.97 1.11 -15.55
CA LEU B 60 -1.48 0.04 -14.70
C LEU B 60 -2.62 -0.41 -13.80
N TRP B 61 -3.02 -1.68 -13.92
CA TRP B 61 -4.23 -2.19 -13.31
C TRP B 61 -3.86 -3.34 -12.38
N ARG B 62 -4.10 -3.16 -11.09
CA ARG B 62 -3.88 -4.25 -10.14
C ARG B 62 -5.02 -5.25 -10.29
N PHE B 63 -4.70 -6.47 -10.74
CA PHE B 63 -5.75 -7.39 -11.18
C PHE B 63 -5.17 -8.80 -11.18
N ASP B 64 -5.97 -9.79 -10.76
CA ASP B 64 -5.48 -11.17 -10.70
C ASP B 64 -6.32 -12.20 -11.42
N GLY B 65 -7.44 -11.84 -12.04
CA GLY B 65 -8.27 -12.79 -12.75
C GLY B 65 -7.68 -13.20 -14.09
N ASN B 66 -8.50 -13.84 -14.91
CA ASN B 66 -8.10 -14.14 -16.29
C ASN B 66 -8.06 -12.85 -17.09
N LYS B 67 -7.08 -12.76 -17.99
CA LYS B 67 -6.93 -11.56 -18.80
C LYS B 67 -8.22 -11.26 -19.56
N PRO B 68 -8.77 -10.05 -19.44
CA PRO B 68 -10.00 -9.73 -20.16
C PRO B 68 -9.77 -9.74 -21.66
N ASP B 69 -10.77 -10.22 -22.41
CA ASP B 69 -10.65 -10.31 -23.86
C ASP B 69 -10.46 -8.94 -24.51
N ALA B 70 -11.00 -7.89 -23.91
CA ALA B 70 -10.96 -6.56 -24.49
C ALA B 70 -9.82 -5.72 -23.91
N LEU B 71 -8.83 -6.35 -23.28
CA LEU B 71 -7.71 -5.61 -22.71
C LEU B 71 -6.96 -4.85 -23.80
N GLY B 72 -6.80 -3.54 -23.57
CA GLY B 72 -6.11 -2.71 -24.53
C GLY B 72 -4.60 -2.83 -24.44
N LEU B 73 -3.96 -2.49 -25.56
CA LEU B 73 -2.50 -2.48 -25.62
C LEU B 73 -1.88 -1.45 -24.69
N ASN B 74 -2.64 -0.43 -24.33
CA ASN B 74 -2.17 0.58 -23.39
C ASN B 74 -2.26 0.14 -21.94
N THR B 75 -2.77 -1.06 -21.66
CA THR B 75 -3.13 -1.48 -20.31
C THR B 75 -2.31 -2.70 -19.92
N ARG B 76 -1.71 -2.69 -18.74
CA ARG B 76 -1.05 -3.87 -18.22
C ARG B 76 -1.61 -4.25 -16.86
N LEU B 77 -1.63 -5.56 -16.60
CA LEU B 77 -2.17 -6.14 -15.37
C LEU B 77 -1.04 -6.51 -14.44
N TYR B 78 -1.22 -6.24 -13.15
CA TYR B 78 -0.20 -6.54 -12.16
C TYR B 78 -0.85 -7.18 -10.94
N LYS B 79 -0.26 -8.26 -10.44
CA LYS B 79 -0.75 -8.88 -9.22
C LYS B 79 -0.60 -7.95 -8.04
N TRP B 80 0.46 -7.15 -8.01
CA TRP B 80 0.60 -6.10 -7.02
C TRP B 80 1.21 -4.88 -7.69
N ILE B 81 0.97 -3.72 -7.09
CA ILE B 81 1.60 -2.48 -7.55
C ILE B 81 2.17 -1.72 -6.36
N PRO B 82 3.27 -1.01 -6.55
CA PRO B 82 3.78 -0.06 -5.56
C PRO B 82 2.97 1.23 -5.69
N GLN B 83 1.81 1.22 -5.04
CA GLN B 83 0.79 2.23 -5.32
C GLN B 83 1.30 3.63 -4.99
N ASN B 84 1.89 3.80 -3.81
CA ASN B 84 2.39 5.13 -3.44
C ASN B 84 3.44 5.60 -4.43
N ASP B 85 4.31 4.70 -4.89
CA ASP B 85 5.38 5.07 -5.81
C ASP B 85 4.83 5.43 -7.17
N LEU B 86 3.77 4.76 -7.61
CA LEU B 86 3.12 5.16 -8.86
C LEU B 86 2.43 6.51 -8.70
N LEU B 87 1.71 6.70 -7.59
CA LEU B 87 1.04 7.98 -7.38
C LEU B 87 2.04 9.14 -7.28
N GLY B 88 3.24 8.88 -6.76
CA GLY B 88 4.25 9.92 -6.75
C GLY B 88 5.08 10.05 -8.01
N HIS B 89 4.79 9.27 -9.04
CA HIS B 89 5.58 9.37 -10.27
C HIS B 89 5.14 10.59 -11.07
N PRO B 90 6.08 11.31 -11.68
CA PRO B 90 5.68 12.54 -12.41
C PRO B 90 4.75 12.28 -13.61
N LYS B 91 4.68 11.06 -14.14
CA LYS B 91 3.80 10.80 -15.28
C LYS B 91 2.35 10.55 -14.85
N THR B 92 2.06 10.40 -13.58
CA THR B 92 0.75 9.92 -13.19
C THR B 92 -0.31 11.02 -13.24
N ARG B 93 -1.40 10.74 -13.94
CA ARG B 93 -2.47 11.70 -14.21
C ARG B 93 -3.72 11.49 -13.39
N ALA B 94 -4.03 10.25 -13.01
CA ALA B 94 -5.28 9.95 -12.32
C ALA B 94 -5.15 8.62 -11.60
N PHE B 95 -6.00 8.44 -10.61
CA PHE B 95 -6.07 7.25 -9.76
C PHE B 95 -7.51 6.78 -9.76
N ILE B 96 -7.75 5.55 -10.22
CA ILE B 96 -9.05 4.92 -10.09
C ILE B 96 -8.97 4.00 -8.90
N THR B 97 -9.80 4.26 -7.89
CA THR B 97 -9.65 3.60 -6.60
C THR B 97 -11.00 3.25 -6.01
N HIS B 98 -11.00 2.20 -5.19
CA HIS B 98 -12.20 1.89 -4.41
C HIS B 98 -12.43 2.89 -3.30
N GLY B 99 -11.41 3.67 -2.95
CA GLY B 99 -11.57 4.69 -1.93
C GLY B 99 -11.19 4.26 -0.54
N GLY B 100 -10.26 3.32 -0.39
CA GLY B 100 -9.70 3.04 0.92
C GLY B 100 -8.93 4.22 1.47
N ALA B 101 -8.72 4.19 2.79
CA ALA B 101 -8.14 5.33 3.49
C ALA B 101 -6.68 5.56 3.09
N ASN B 102 -5.89 4.47 3.03
CA ASN B 102 -4.49 4.60 2.66
C ASN B 102 -4.35 5.15 1.24
N GLY B 103 -5.25 4.72 0.34
CA GLY B 103 -5.18 5.19 -1.04
C GLY B 103 -5.56 6.66 -1.18
N ILE B 104 -6.59 7.10 -0.47
CA ILE B 104 -6.96 8.51 -0.54
C ILE B 104 -5.87 9.38 0.07
N TYR B 105 -5.25 8.92 1.15
CA TYR B 105 -4.19 9.72 1.73
C TYR B 105 -3.02 9.87 0.78
N GLU B 106 -2.66 8.80 0.06
CA GLU B 106 -1.58 8.88 -0.90
C GLU B 106 -1.96 9.77 -2.08
N ALA B 107 -3.22 9.68 -2.52
CA ALA B 107 -3.70 10.55 -3.59
C ALA B 107 -3.63 12.01 -3.20
N ILE B 108 -4.08 12.35 -1.98
CA ILE B 108 -3.97 13.73 -1.53
C ILE B 108 -2.52 14.14 -1.39
N TYR B 109 -1.70 13.28 -0.77
CA TYR B 109 -0.29 13.60 -0.59
C TYR B 109 0.39 13.94 -1.91
N HIS B 110 0.13 13.15 -2.95
CA HIS B 110 0.77 13.35 -4.23
C HIS B 110 -0.06 14.20 -5.18
N GLY B 111 -1.24 14.65 -4.75
CA GLY B 111 -2.06 15.51 -5.58
C GLY B 111 -2.59 14.89 -6.86
N ILE B 112 -3.06 13.64 -6.79
CA ILE B 112 -3.53 12.88 -7.95
C ILE B 112 -5.05 12.81 -7.87
N PRO B 113 -5.78 13.35 -8.85
CA PRO B 113 -7.25 13.30 -8.80
C PRO B 113 -7.75 11.89 -9.08
N MET B 114 -8.98 11.62 -8.62
CA MET B 114 -9.47 10.25 -8.51
C MET B 114 -10.76 10.03 -9.28
N VAL B 115 -10.88 8.82 -9.84
CA VAL B 115 -12.18 8.23 -10.14
C VAL B 115 -12.43 7.28 -9.00
N GLY B 116 -13.49 7.56 -8.21
CA GLY B 116 -13.81 6.75 -7.05
C GLY B 116 -14.86 5.73 -7.41
N ILE B 117 -14.55 4.47 -7.11
CA ILE B 117 -15.44 3.34 -7.37
C ILE B 117 -15.63 2.60 -6.06
N PRO B 118 -16.44 3.15 -5.15
CA PRO B 118 -16.55 2.54 -3.82
C PRO B 118 -17.37 1.27 -3.87
N LEU B 119 -16.98 0.32 -3.05
CA LEU B 119 -17.58 -1.01 -3.00
C LEU B 119 -18.17 -1.33 -1.64
N PHE B 120 -17.42 -1.08 -0.57
CA PHE B 120 -17.74 -1.63 0.74
C PHE B 120 -17.26 -0.66 1.81
N PHE B 121 -18.00 -0.64 2.92
CA PHE B 121 -17.44 -0.22 4.21
C PHE B 121 -17.29 1.29 4.23
N ASP B 122 -16.14 1.80 4.71
CA ASP B 122 -15.91 3.24 4.71
C ASP B 122 -15.78 3.81 3.30
N GLN B 123 -15.57 2.96 2.30
CA GLN B 123 -15.25 3.45 0.95
C GLN B 123 -16.30 4.39 0.37
N PRO B 124 -17.62 4.12 0.45
CA PRO B 124 -18.58 5.11 -0.05
C PRO B 124 -18.46 6.48 0.60
N ASP B 125 -18.22 6.53 1.91
CA ASP B 125 -18.10 7.82 2.58
C ASP B 125 -16.77 8.49 2.26
N ASN B 126 -15.70 7.70 2.16
CA ASN B 126 -14.39 8.25 1.79
C ASN B 126 -14.45 8.98 0.45
N ILE B 127 -15.14 8.39 -0.52
CA ILE B 127 -15.23 9.00 -1.85
C ILE B 127 -16.15 10.21 -1.83
N ALA B 128 -17.24 10.14 -1.03
CA ALA B 128 -18.19 11.25 -0.99
C ALA B 128 -17.52 12.56 -0.58
N HIS B 129 -16.61 12.50 0.39
CA HIS B 129 -15.91 13.70 0.82
C HIS B 129 -14.96 14.20 -0.27
N MET B 130 -14.31 13.29 -1.00
CA MET B 130 -13.48 13.70 -2.13
C MET B 130 -14.34 14.32 -3.24
N LYS B 131 -15.48 13.71 -3.55
CA LYS B 131 -16.33 14.26 -4.59
C LYS B 131 -16.83 15.65 -4.19
N ALA B 132 -17.17 15.83 -2.92
CA ALA B 132 -17.63 17.11 -2.42
C ALA B 132 -16.63 18.21 -2.72
N LYS B 133 -15.33 17.92 -2.53
CA LYS B 133 -14.26 18.88 -2.70
C LYS B 133 -13.82 19.04 -4.15
N GLY B 134 -14.50 18.38 -5.08
CA GLY B 134 -14.13 18.48 -6.48
C GLY B 134 -12.87 17.75 -6.86
N ALA B 135 -12.40 16.82 -6.02
CA ALA B 135 -11.16 16.10 -6.26
C ALA B 135 -11.39 14.71 -6.80
N ALA B 136 -12.65 14.32 -7.00
CA ALA B 136 -12.97 12.99 -7.50
C ALA B 136 -14.32 13.03 -8.22
N VAL B 137 -14.48 12.12 -9.18
CA VAL B 137 -15.79 11.76 -9.71
C VAL B 137 -16.09 10.36 -9.20
N ARG B 138 -17.37 10.07 -9.02
CA ARG B 138 -17.80 8.79 -8.49
C ARG B 138 -18.56 8.01 -9.56
N VAL B 139 -18.28 6.71 -9.68
CA VAL B 139 -19.06 5.82 -10.54
C VAL B 139 -19.44 4.60 -9.72
N ASP B 140 -20.49 3.92 -10.19
CA ASP B 140 -21.07 2.78 -9.47
C ASP B 140 -20.59 1.49 -10.11
N PHE B 141 -19.83 0.69 -9.35
CA PHE B 141 -19.20 -0.48 -9.93
C PHE B 141 -20.23 -1.40 -10.59
N ASN B 142 -21.36 -1.62 -9.91
CA ASN B 142 -22.30 -2.65 -10.38
C ASN B 142 -23.01 -2.25 -11.66
N THR B 143 -23.27 -0.96 -11.87
CA THR B 143 -24.13 -0.54 -12.97
C THR B 143 -23.41 0.30 -14.03
N MET B 144 -22.17 0.70 -13.79
CA MET B 144 -21.48 1.56 -14.75
C MET B 144 -21.30 0.86 -16.09
N SER B 145 -21.55 1.62 -17.16
CA SER B 145 -21.22 1.19 -18.50
C SER B 145 -19.80 1.59 -18.85
N SER B 146 -19.30 1.05 -19.97
CA SER B 146 -17.97 1.42 -20.43
C SER B 146 -17.87 2.92 -20.69
N THR B 147 -18.91 3.49 -21.28
CA THR B 147 -18.83 4.93 -21.55
C THR B 147 -18.91 5.74 -20.25
N ASP B 148 -19.66 5.26 -19.24
CA ASP B 148 -19.66 5.92 -17.93
C ASP B 148 -18.25 6.02 -17.38
N LEU B 149 -17.54 4.90 -17.36
CA LEU B 149 -16.19 4.90 -16.81
C LEU B 149 -15.25 5.74 -17.66
N LEU B 150 -15.37 5.62 -18.98
CA LEU B 150 -14.51 6.37 -19.89
C LEU B 150 -14.71 7.87 -19.70
N ASN B 151 -15.96 8.31 -19.56
CA ASN B 151 -16.21 9.74 -19.38
C ASN B 151 -15.64 10.22 -18.06
N ALA B 152 -15.80 9.44 -16.98
CA ALA B 152 -15.21 9.81 -15.70
C ALA B 152 -13.70 9.94 -15.81
N LEU B 153 -13.07 8.99 -16.51
CA LEU B 153 -11.62 9.02 -16.69
C LEU B 153 -11.20 10.25 -17.47
N LYS B 154 -11.85 10.48 -18.62
CA LYS B 154 -11.47 11.62 -19.42
C LYS B 154 -11.61 12.92 -18.64
N THR B 155 -12.67 13.02 -17.83
CA THR B 155 -12.91 14.22 -17.05
C THR B 155 -11.80 14.45 -16.02
N VAL B 156 -11.47 13.43 -15.24
CA VAL B 156 -10.49 13.60 -14.18
C VAL B 156 -9.09 13.82 -14.75
N ILE B 157 -8.78 13.18 -15.88
CA ILE B 157 -7.45 13.33 -16.47
C ILE B 157 -7.27 14.70 -17.10
N ASN B 158 -8.30 15.21 -17.79
CA ASN B 158 -8.08 16.36 -18.67
C ASN B 158 -8.70 17.66 -18.21
N ASP B 159 -9.77 17.62 -17.41
CA ASP B 159 -10.31 18.86 -16.85
C ASP B 159 -9.48 19.25 -15.63
N PRO B 160 -8.72 20.34 -15.68
CA PRO B 160 -7.77 20.62 -14.58
C PRO B 160 -8.43 20.97 -13.25
N SER B 161 -9.75 21.15 -13.20
CA SER B 161 -10.37 21.50 -11.91
C SER B 161 -10.18 20.39 -10.89
N TYR B 162 -10.13 19.13 -11.33
CA TYR B 162 -9.96 18.04 -10.39
C TYR B 162 -8.54 18.02 -9.83
N LYS B 163 -7.55 18.13 -10.71
CA LYS B 163 -6.17 18.28 -10.28
C LYS B 163 -6.01 19.46 -9.33
N GLU B 164 -6.59 20.61 -9.67
CA GLU B 164 -6.38 21.78 -8.83
C GLU B 164 -7.07 21.63 -7.48
N ASN B 165 -8.26 21.02 -7.46
CA ASN B 165 -8.93 20.81 -6.18
C ASN B 165 -8.16 19.84 -5.29
N ILE B 166 -7.61 18.76 -5.85
CA ILE B 166 -6.87 17.89 -4.94
C ILE B 166 -5.51 18.48 -4.60
N MET B 167 -4.95 19.36 -5.44
CA MET B 167 -3.72 20.04 -5.06
C MET B 167 -3.93 21.00 -3.90
N LYS B 168 -5.11 21.63 -3.83
CA LYS B 168 -5.44 22.45 -2.67
C LYS B 168 -5.34 21.62 -1.39
N LEU B 169 -5.93 20.42 -1.42
CA LEU B 169 -5.85 19.52 -0.26
C LEU B 169 -4.41 19.08 -0.02
N SER B 170 -3.68 18.79 -1.10
CA SER B 170 -2.29 18.36 -0.97
C SER B 170 -1.44 19.41 -0.26
N ARG B 171 -1.67 20.69 -0.57
CA ARG B 171 -0.79 21.73 -0.06
C ARG B 171 -1.05 22.02 1.42
N ILE B 172 -2.26 21.75 1.88
CA ILE B 172 -2.53 21.76 3.32
C ILE B 172 -1.85 20.57 3.97
N GLN B 173 -2.05 19.39 3.39
CA GLN B 173 -1.59 18.14 3.98
C GLN B 173 -0.08 18.12 4.16
N HIS B 174 0.67 18.76 3.26
CA HIS B 174 2.12 18.90 3.42
C HIS B 174 2.71 19.99 2.54
S SO4 C . 2.36 1.26 -0.63
O1 SO4 C . 2.28 -0.16 -0.35
O2 SO4 C . 3.69 1.70 -1.04
O3 SO4 C . 1.39 1.61 -1.64
O4 SO4 C . 1.98 1.98 0.58
#